data_9KZF
#
_entry.id   9KZF
#
_cell.length_a   57.005
_cell.length_b   91.413
_cell.length_c   58.099
_cell.angle_alpha   90.00
_cell.angle_beta   100.33
_cell.angle_gamma   90.00
#
_symmetry.space_group_name_H-M   'P 1 21 1'
#
loop_
_entity.id
_entity.type
_entity.pdbx_description
1 polymer 'ORF1ab polyprotein'
2 polymer 'Replicase polyprotein 1a'
3 water water
#
loop_
_entity_poly.entity_id
_entity_poly.type
_entity_poly.pdbx_seq_one_letter_code
_entity_poly.pdbx_strand_id
1 'polypeptide(L)'
;MAGLRKMAQPSGVVEKCIVRVCYGNMALNGLWLGDTVMCPRHVIASSTTSTIDYDYALSVLRLHNFSISSGNVFLGVVGV
TMRGALLQIKVNQNNVHTPKYTYRTVRPGESFNILACYDGAAAGVYGVNMRSNYTIRGSFINGAAGSPGYNINNGTVEFC
YLHQLELGSGCHVGSDLDGVMYGGYEDQPTLQVEGASSLFTENVLAFLYAALINGSTWWLSSSRIAVDRFNEWAVHNGMT
TVVNTDCFSIFAAKTGVDVQRLLASIQSLHKNFGGKQILGYTSLTDEFTTGEVIRQMYGVLEHHHHHHHH
;
A,B
2 'polypeptide(L)' DNSMLQ C,D
#
# COMPACT_ATOMS: atom_id res chain seq x y z
N ALA A 2 7.22 10.20 -11.83
CA ALA A 2 8.29 10.07 -10.83
C ALA A 2 7.74 9.57 -9.49
N GLY A 3 8.64 9.24 -8.57
CA GLY A 3 8.27 8.76 -7.27
C GLY A 3 8.32 7.24 -7.21
N LEU A 4 8.45 6.71 -6.01
CA LEU A 4 8.39 5.27 -5.81
C LEU A 4 7.60 5.00 -4.54
N ARG A 5 6.60 4.12 -4.65
CA ARG A 5 5.80 3.74 -3.50
C ARG A 5 5.60 2.23 -3.53
N LYS A 6 5.65 1.62 -2.35
CA LYS A 6 5.22 0.23 -2.25
C LYS A 6 3.72 0.19 -2.48
N MET A 7 3.31 -0.45 -3.57
CA MET A 7 1.93 -0.49 -3.99
C MET A 7 1.41 -1.91 -3.95
N ALA A 8 0.09 -2.00 -4.03
CA ALA A 8 -0.62 -3.26 -4.17
C ALA A 8 -1.30 -3.24 -5.53
N GLN A 9 -1.52 -4.42 -6.10
CA GLN A 9 -2.38 -4.48 -7.24
C GLN A 9 -3.82 -4.29 -6.77
N PRO A 10 -4.71 -3.85 -7.66
CA PRO A 10 -6.11 -3.63 -7.26
C PRO A 10 -6.71 -4.94 -6.77
N SER A 11 -7.51 -4.85 -5.71
CA SER A 11 -7.96 -5.99 -4.93
C SER A 11 -9.35 -6.49 -5.28
N GLY A 12 -10.04 -5.84 -6.23
CA GLY A 12 -11.46 -6.12 -6.45
C GLY A 12 -11.73 -7.58 -6.77
N VAL A 13 -10.95 -8.15 -7.69
CA VAL A 13 -11.15 -9.54 -8.10
C VAL A 13 -10.99 -10.51 -6.92
N VAL A 14 -10.18 -10.14 -5.94
CA VAL A 14 -9.96 -11.03 -4.81
C VAL A 14 -10.99 -10.82 -3.71
N GLU A 15 -11.49 -9.59 -3.56
CA GLU A 15 -12.47 -9.27 -2.53
C GLU A 15 -13.67 -10.19 -2.60
N LYS A 16 -14.11 -10.54 -3.81
CA LYS A 16 -15.29 -11.38 -4.02
C LYS A 16 -15.07 -12.82 -3.54
N CYS A 17 -13.85 -13.18 -3.16
CA CYS A 17 -13.50 -14.53 -2.79
C CYS A 17 -13.36 -14.75 -1.29
N ILE A 18 -13.51 -13.72 -0.46
CA ILE A 18 -13.30 -13.86 0.97
C ILE A 18 -14.59 -14.30 1.63
N VAL A 19 -14.47 -15.26 2.56
CA VAL A 19 -15.59 -15.69 3.38
C VAL A 19 -15.17 -15.71 4.84
N ARG A 20 -16.16 -15.59 5.72
CA ARG A 20 -15.98 -15.74 7.15
C ARG A 20 -16.11 -17.22 7.49
N VAL A 21 -15.12 -17.77 8.20
CA VAL A 21 -15.17 -19.17 8.62
C VAL A 21 -15.12 -19.22 10.14
N CYS A 22 -16.21 -19.66 10.77
CA CYS A 22 -16.27 -19.80 12.23
C CYS A 22 -16.53 -21.24 12.61
N TYR A 23 -15.90 -21.66 13.70
CA TYR A 23 -16.14 -22.97 14.31
C TYR A 23 -15.89 -22.82 15.80
N GLY A 24 -16.95 -22.93 16.61
CA GLY A 24 -16.81 -22.73 18.05
C GLY A 24 -16.39 -21.31 18.39
N ASN A 25 -15.47 -21.20 19.35
CA ASN A 25 -14.90 -19.91 19.76
C ASN A 25 -13.88 -19.35 18.76
N MET A 26 -13.70 -19.98 17.61
CA MET A 26 -12.68 -19.61 16.62
C MET A 26 -13.35 -18.97 15.40
N ALA A 27 -12.76 -17.89 14.92
CA ALA A 27 -13.28 -17.21 13.74
C ALA A 27 -12.10 -16.66 12.94
N LEU A 28 -12.07 -16.98 11.65
CA LEU A 28 -11.02 -16.45 10.78
C LEU A 28 -11.61 -16.32 9.37
N ASN A 29 -10.74 -16.23 8.38
CA ASN A 29 -11.15 -15.96 7.01
C ASN A 29 -10.87 -17.18 6.15
N GLY A 30 -11.65 -17.34 5.08
CA GLY A 30 -11.39 -18.37 4.12
C GLY A 30 -11.43 -17.80 2.71
N LEU A 31 -10.89 -18.59 1.79
CA LEU A 31 -10.85 -18.24 0.38
C LEU A 31 -11.81 -19.17 -0.35
N TRP A 32 -12.88 -18.60 -0.92
CA TRP A 32 -13.95 -19.38 -1.54
C TRP A 32 -13.77 -19.34 -3.07
N LEU A 33 -13.28 -20.43 -3.64
CA LEU A 33 -13.06 -20.54 -5.08
C LEU A 33 -13.80 -21.78 -5.60
N GLY A 34 -14.63 -21.59 -6.63
CA GLY A 34 -15.48 -22.69 -7.08
C GLY A 34 -16.37 -23.14 -5.94
N ASP A 35 -16.40 -24.45 -5.66
CA ASP A 35 -17.24 -24.94 -4.57
C ASP A 35 -16.39 -25.36 -3.36
N THR A 36 -15.24 -24.72 -3.19
CA THR A 36 -14.34 -25.07 -2.10
C THR A 36 -13.98 -23.83 -1.31
N VAL A 37 -13.88 -23.95 0.01
CA VAL A 37 -13.34 -22.92 0.87
C VAL A 37 -12.05 -23.46 1.49
N MET A 38 -10.98 -22.69 1.39
CA MET A 38 -9.69 -23.00 2.00
C MET A 38 -9.50 -22.04 3.18
N CYS A 39 -9.06 -22.58 4.31
CA CYS A 39 -8.80 -21.73 5.46
C CYS A 39 -7.75 -22.41 6.33
N PRO A 40 -7.08 -21.67 7.21
CA PRO A 40 -6.15 -22.31 8.16
C PRO A 40 -6.85 -23.36 9.03
N ARG A 41 -6.21 -24.52 9.16
CA ARG A 41 -6.82 -25.62 9.88
C ARG A 41 -7.01 -25.34 11.36
N HIS A 42 -6.33 -24.34 11.93
CA HIS A 42 -6.50 -24.12 13.37
C HIS A 42 -7.86 -23.52 13.74
N VAL A 43 -8.73 -23.21 12.77
CA VAL A 43 -10.08 -22.77 13.08
C VAL A 43 -10.86 -23.87 13.80
N ILE A 44 -10.46 -25.14 13.63
CA ILE A 44 -11.12 -26.26 14.28
C ILE A 44 -10.40 -26.71 15.53
N ALA A 45 -9.35 -26.00 15.93
CA ALA A 45 -8.63 -26.33 17.15
C ALA A 45 -9.43 -25.85 18.34
N SER A 46 -9.52 -26.71 19.37
CA SER A 46 -10.32 -26.38 20.53
C SER A 46 -9.66 -25.31 21.40
N SER A 47 -8.33 -25.24 21.38
CA SER A 47 -7.60 -24.11 21.93
C SER A 47 -6.40 -23.83 21.05
N THR A 48 -6.09 -22.54 20.85
CA THR A 48 -4.90 -22.15 20.13
C THR A 48 -3.78 -21.69 21.04
N THR A 49 -3.89 -21.93 22.35
CA THR A 49 -2.86 -21.49 23.31
C THR A 49 -1.91 -22.60 23.72
N SER A 50 -2.33 -23.86 23.66
CA SER A 50 -1.48 -25.02 23.90
C SER A 50 -1.44 -25.87 22.63
N THR A 51 -0.58 -26.90 22.62
CA THR A 51 -0.35 -27.71 21.43
C THR A 51 -1.66 -28.34 20.95
N ILE A 52 -1.73 -28.64 19.63
CA ILE A 52 -2.94 -29.12 18.98
C ILE A 52 -2.65 -30.44 18.25
N ASP A 53 -3.57 -31.41 18.38
CA ASP A 53 -3.50 -32.64 17.60
C ASP A 53 -4.57 -32.45 16.53
N TYR A 54 -4.14 -32.05 15.34
CA TYR A 54 -5.09 -31.66 14.30
C TYR A 54 -5.90 -32.85 13.81
N ASP A 55 -5.27 -34.02 13.69
CA ASP A 55 -6.00 -35.21 13.26
C ASP A 55 -7.11 -35.56 14.23
N TYR A 56 -6.84 -35.46 15.53
CA TYR A 56 -7.90 -35.69 16.51
C TYR A 56 -9.02 -34.67 16.33
N ALA A 57 -8.65 -33.37 16.26
CA ALA A 57 -9.64 -32.31 16.06
C ALA A 57 -10.52 -32.56 14.84
N LEU A 58 -9.93 -32.95 13.72
CA LEU A 58 -10.72 -33.23 12.53
C LEU A 58 -11.61 -34.46 12.73
N SER A 59 -11.15 -35.44 13.51
CA SER A 59 -11.92 -36.66 13.69
C SER A 59 -13.24 -36.41 14.42
N VAL A 60 -13.29 -35.37 15.25
CA VAL A 60 -14.44 -35.03 16.08
C VAL A 60 -15.16 -33.78 15.58
N LEU A 61 -14.82 -33.32 14.38
CA LEU A 61 -15.51 -32.18 13.77
C LEU A 61 -17.00 -32.41 13.75
N ARG A 62 -17.76 -31.38 14.14
CA ARG A 62 -19.20 -31.33 13.91
C ARG A 62 -19.45 -30.46 12.69
N LEU A 63 -19.80 -31.11 11.57
CA LEU A 63 -19.92 -30.39 10.30
C LEU A 63 -20.93 -29.25 10.40
N HIS A 64 -21.99 -29.44 11.18
CA HIS A 64 -23.01 -28.40 11.28
C HIS A 64 -22.56 -27.23 12.16
N ASN A 65 -21.53 -27.43 12.99
CA ASN A 65 -21.00 -26.35 13.81
C ASN A 65 -20.22 -25.33 13.01
N PHE A 66 -20.05 -25.51 11.71
CA PHE A 66 -19.42 -24.50 10.88
C PHE A 66 -20.41 -23.40 10.59
N SER A 67 -19.93 -22.17 10.53
CA SER A 67 -20.69 -21.06 9.97
C SER A 67 -19.76 -20.42 8.96
N ILE A 68 -20.08 -20.59 7.69
CA ILE A 68 -19.32 -20.00 6.60
C ILE A 68 -20.24 -19.06 5.86
N SER A 69 -19.82 -17.82 5.69
CA SER A 69 -20.69 -16.84 5.08
C SER A 69 -19.90 -15.87 4.21
N SER A 70 -20.50 -15.50 3.07
CA SER A 70 -20.00 -14.45 2.17
C SER A 70 -21.01 -13.31 2.30
N GLY A 71 -20.68 -12.32 3.12
CA GLY A 71 -21.67 -11.30 3.44
C GLY A 71 -22.74 -11.92 4.32
N ASN A 72 -24.00 -11.75 3.95
CA ASN A 72 -25.07 -12.42 4.67
C ASN A 72 -25.50 -13.75 4.01
N VAL A 73 -24.75 -14.23 3.01
CA VAL A 73 -25.08 -15.45 2.30
C VAL A 73 -24.31 -16.60 2.95
N PHE A 74 -25.04 -17.56 3.53
CA PHE A 74 -24.43 -18.64 4.31
C PHE A 74 -24.25 -19.91 3.48
N LEU A 75 -23.06 -20.52 3.59
CA LEU A 75 -22.70 -21.65 2.75
C LEU A 75 -22.79 -22.93 3.56
N GLY A 76 -23.44 -23.94 2.98
CA GLY A 76 -23.56 -25.22 3.65
C GLY A 76 -22.32 -26.08 3.41
N VAL A 77 -21.83 -26.69 4.48
CA VAL A 77 -20.61 -27.50 4.43
C VAL A 77 -20.96 -28.92 4.01
N VAL A 78 -20.36 -29.37 2.91
CA VAL A 78 -20.59 -30.74 2.44
C VAL A 78 -19.56 -31.70 3.02
N GLY A 79 -18.29 -31.29 3.07
CA GLY A 79 -17.22 -32.12 3.60
C GLY A 79 -16.00 -31.27 3.87
N VAL A 80 -15.08 -31.85 4.65
CA VAL A 80 -13.85 -31.18 5.06
C VAL A 80 -12.72 -32.20 4.95
N THR A 81 -11.62 -31.82 4.31
CA THR A 81 -10.41 -32.64 4.35
C THR A 81 -9.21 -31.79 4.75
N MET A 82 -8.20 -32.45 5.30
CA MET A 82 -6.97 -31.77 5.65
C MET A 82 -6.13 -31.57 4.39
N ARG A 83 -5.51 -30.40 4.30
CA ARG A 83 -4.59 -30.15 3.20
C ARG A 83 -3.39 -29.43 3.81
N GLY A 84 -2.37 -30.19 4.24
CA GLY A 84 -1.30 -29.62 5.02
C GLY A 84 -1.83 -28.76 6.14
N ALA A 85 -1.45 -27.49 6.19
CA ALA A 85 -1.86 -26.59 7.26
C ALA A 85 -3.18 -25.88 6.94
N LEU A 86 -3.92 -26.37 5.95
CA LEU A 86 -5.22 -25.82 5.56
C LEU A 86 -6.29 -26.87 5.71
N LEU A 87 -7.53 -26.40 5.89
CA LEU A 87 -8.71 -27.19 5.62
C LEU A 87 -9.19 -26.90 4.22
N GLN A 88 -9.58 -27.94 3.50
CA GLN A 88 -10.23 -27.83 2.22
C GLN A 88 -11.67 -28.24 2.47
N ILE A 89 -12.58 -27.27 2.45
CA ILE A 89 -13.95 -27.45 2.87
C ILE A 89 -14.82 -27.41 1.62
N LYS A 90 -15.48 -28.51 1.31
CA LYS A 90 -16.38 -28.48 0.17
C LYS A 90 -17.70 -27.87 0.64
N VAL A 91 -18.23 -26.93 -0.14
CA VAL A 91 -19.46 -26.25 0.24
C VAL A 91 -20.53 -26.49 -0.85
N ASN A 92 -21.78 -26.17 -0.53
CA ASN A 92 -22.89 -26.55 -1.41
C ASN A 92 -23.12 -25.58 -2.57
N GLN A 93 -22.38 -24.48 -2.66
CA GLN A 93 -22.62 -23.45 -3.67
C GLN A 93 -21.31 -23.07 -4.34
N ASN A 94 -21.37 -22.87 -5.66
CA ASN A 94 -20.21 -22.40 -6.40
C ASN A 94 -20.12 -20.87 -6.32
N ASN A 95 -18.90 -20.37 -6.14
CA ASN A 95 -18.72 -18.93 -6.18
C ASN A 95 -18.74 -18.48 -7.63
N VAL A 96 -19.83 -17.85 -8.06
CA VAL A 96 -19.94 -17.43 -9.46
C VAL A 96 -18.95 -16.35 -9.81
N HIS A 97 -18.39 -15.66 -8.81
CA HIS A 97 -17.43 -14.60 -9.04
C HIS A 97 -15.99 -15.08 -8.91
N THR A 98 -15.79 -16.39 -8.95
CA THR A 98 -14.45 -16.98 -8.92
C THR A 98 -13.64 -16.52 -10.12
N PRO A 99 -12.52 -15.84 -9.92
CA PRO A 99 -11.70 -15.41 -11.05
C PRO A 99 -10.93 -16.58 -11.63
N LYS A 100 -10.39 -16.37 -12.82
CA LYS A 100 -9.39 -17.28 -13.33
C LYS A 100 -8.21 -17.26 -12.36
N TYR A 101 -7.75 -18.44 -11.92
CA TYR A 101 -6.70 -18.41 -10.89
C TYR A 101 -5.75 -19.60 -11.02
N THR A 102 -4.56 -19.41 -10.43
CA THR A 102 -3.57 -20.44 -10.24
C THR A 102 -3.03 -20.36 -8.81
N TYR A 103 -2.29 -21.39 -8.40
CA TYR A 103 -1.52 -21.36 -7.16
C TYR A 103 -0.03 -21.30 -7.52
N ARG A 104 0.75 -20.55 -6.76
CA ARG A 104 2.20 -20.61 -6.89
C ARG A 104 2.86 -20.36 -5.55
N THR A 105 3.89 -21.15 -5.25
CA THR A 105 4.70 -20.93 -4.06
C THR A 105 5.78 -19.90 -4.41
N VAL A 106 5.82 -18.80 -3.65
CA VAL A 106 6.80 -17.76 -3.93
C VAL A 106 8.12 -18.10 -3.25
N ARG A 107 9.19 -17.49 -3.75
CA ARG A 107 10.51 -17.68 -3.20
C ARG A 107 10.99 -16.40 -2.54
N PRO A 108 11.99 -16.47 -1.67
CA PRO A 108 12.50 -15.25 -1.03
C PRO A 108 12.88 -14.21 -2.05
N GLY A 109 12.56 -12.95 -1.74
CA GLY A 109 12.83 -11.84 -2.62
C GLY A 109 11.71 -11.48 -3.55
N GLU A 110 10.69 -12.34 -3.68
CA GLU A 110 9.57 -12.11 -4.57
C GLU A 110 8.54 -11.27 -3.84
N SER A 111 7.93 -10.32 -4.56
CA SER A 111 6.88 -9.46 -4.02
C SER A 111 5.50 -10.06 -4.29
N PHE A 112 4.57 -9.80 -3.37
CA PHE A 112 3.16 -10.13 -3.61
C PHE A 112 2.27 -9.16 -2.84
N ASN A 113 0.96 -9.35 -2.98
CA ASN A 113 -0.03 -8.46 -2.40
C ASN A 113 -0.73 -9.18 -1.26
N ILE A 114 -0.87 -8.53 -0.12
CA ILE A 114 -1.70 -9.03 0.98
C ILE A 114 -3.04 -8.31 0.99
N LEU A 115 -4.14 -9.08 1.01
CA LEU A 115 -5.48 -8.56 1.30
C LEU A 115 -5.79 -8.91 2.76
N ALA A 116 -5.64 -7.94 3.65
CA ALA A 116 -5.81 -8.14 5.09
C ALA A 116 -7.30 -8.17 5.41
N CYS A 117 -7.76 -9.24 6.07
CA CYS A 117 -9.18 -9.52 6.13
C CYS A 117 -9.55 -9.78 7.58
N TYR A 118 -10.76 -9.37 7.97
CA TYR A 118 -11.29 -9.68 9.31
C TYR A 118 -12.77 -9.96 9.20
N ASP A 119 -13.25 -10.94 9.97
CA ASP A 119 -14.66 -11.34 9.95
C ASP A 119 -15.15 -11.63 8.52
N GLY A 120 -14.25 -12.08 7.66
CA GLY A 120 -14.62 -12.44 6.31
C GLY A 120 -14.83 -11.30 5.35
N ALA A 121 -14.25 -10.13 5.61
CA ALA A 121 -14.37 -8.98 4.73
C ALA A 121 -13.01 -8.32 4.62
N ALA A 122 -12.62 -7.93 3.41
CA ALA A 122 -11.36 -7.23 3.22
C ALA A 122 -11.33 -5.93 4.01
N ALA A 123 -10.24 -5.70 4.73
CA ALA A 123 -10.04 -4.46 5.46
C ALA A 123 -8.95 -3.56 4.89
N GLY A 124 -7.89 -4.14 4.33
CA GLY A 124 -6.78 -3.34 3.84
C GLY A 124 -6.00 -4.15 2.83
N VAL A 125 -5.26 -3.45 1.98
CA VAL A 125 -4.42 -4.08 0.97
C VAL A 125 -3.04 -3.42 0.95
N TYR A 126 -1.98 -4.23 0.96
CA TYR A 126 -0.63 -3.68 0.93
C TYR A 126 0.34 -4.71 0.31
N GLY A 127 1.44 -4.20 -0.24
CA GLY A 127 2.44 -5.05 -0.84
C GLY A 127 3.44 -5.53 0.21
N VAL A 128 3.95 -6.75 -0.01
CA VAL A 128 4.94 -7.33 0.89
C VAL A 128 6.00 -8.00 0.03
N ASN A 129 7.08 -8.43 0.69
CA ASN A 129 8.17 -9.10 0.00
C ASN A 129 8.66 -10.22 0.89
N MET A 130 8.81 -11.43 0.34
CA MET A 130 9.10 -12.60 1.14
C MET A 130 10.56 -12.54 1.60
N ARG A 131 10.78 -12.53 2.92
CA ARG A 131 12.13 -12.46 3.46
C ARG A 131 12.91 -13.78 3.29
N SER A 132 14.22 -13.69 3.51
CA SER A 132 15.06 -14.88 3.39
C SER A 132 14.75 -15.94 4.45
N ASN A 133 14.21 -15.56 5.61
CA ASN A 133 13.74 -16.52 6.59
C ASN A 133 12.27 -16.87 6.42
N TYR A 134 11.69 -16.54 5.26
CA TYR A 134 10.34 -16.95 4.88
C TYR A 134 9.26 -16.30 5.73
N THR A 135 9.53 -15.12 6.27
CA THR A 135 8.50 -14.34 6.93
C THR A 135 8.22 -13.07 6.14
N ILE A 136 7.15 -12.38 6.50
CA ILE A 136 6.76 -11.14 5.85
C ILE A 136 6.55 -10.07 6.92
N ARG A 137 6.76 -8.82 6.51
CA ARG A 137 6.64 -7.66 7.37
C ARG A 137 5.21 -7.17 7.19
N GLY A 138 4.30 -7.77 7.94
CA GLY A 138 2.88 -7.51 7.79
C GLY A 138 2.33 -6.70 8.94
N SER A 139 1.03 -6.49 8.86
CA SER A 139 0.26 -5.92 9.96
C SER A 139 -0.99 -6.78 10.08
N PHE A 140 -0.99 -7.68 11.06
CA PHE A 140 -2.13 -8.55 11.27
C PHE A 140 -2.39 -8.66 12.75
N ILE A 141 -3.66 -8.64 13.14
CA ILE A 141 -4.02 -8.95 14.51
C ILE A 141 -4.92 -10.19 14.53
N ASN A 142 -5.45 -10.52 15.70
CA ASN A 142 -5.97 -11.87 15.95
C ASN A 142 -6.95 -12.40 14.89
N GLY A 143 -7.81 -11.58 14.34
CA GLY A 143 -8.72 -12.27 13.44
C GLY A 143 -8.28 -12.51 12.00
N ALA A 144 -6.99 -12.26 11.71
CA ALA A 144 -6.50 -12.10 10.33
C ALA A 144 -6.11 -13.40 9.62
N ALA A 145 -6.01 -14.52 10.32
CA ALA A 145 -5.62 -15.77 9.65
C ALA A 145 -6.58 -16.06 8.50
N GLY A 146 -6.05 -16.61 7.41
CA GLY A 146 -6.82 -16.80 6.19
C GLY A 146 -6.78 -15.64 5.21
N SER A 147 -6.24 -14.47 5.59
CA SER A 147 -6.05 -13.37 4.67
C SER A 147 -5.16 -13.83 3.52
N PRO A 148 -5.58 -13.67 2.26
CA PRO A 148 -4.79 -14.17 1.14
C PRO A 148 -3.69 -13.22 0.66
N GLY A 149 -2.64 -13.83 0.12
CA GLY A 149 -1.63 -13.13 -0.66
C GLY A 149 -1.77 -13.56 -2.11
N TYR A 150 -1.60 -12.61 -3.01
CA TYR A 150 -1.87 -12.84 -4.42
C TYR A 150 -0.97 -11.94 -5.27
N ASN A 151 -0.84 -12.33 -6.53
CA ASN A 151 -0.33 -11.50 -7.60
C ASN A 151 -1.32 -11.64 -8.74
N ILE A 152 -1.36 -10.66 -9.64
CA ILE A 152 -2.30 -10.65 -10.75
C ILE A 152 -1.49 -10.47 -12.03
N ASN A 153 -1.48 -11.48 -12.89
CA ASN A 153 -0.78 -11.43 -14.17
C ASN A 153 -1.76 -11.75 -15.29
N ASN A 154 -2.08 -10.74 -16.10
CA ASN A 154 -2.93 -10.89 -17.28
C ASN A 154 -4.33 -11.40 -16.92
N GLY A 155 -4.93 -10.77 -15.90
CA GLY A 155 -6.25 -11.15 -15.45
C GLY A 155 -6.33 -12.42 -14.61
N THR A 156 -5.28 -13.23 -14.55
CA THR A 156 -5.26 -14.44 -13.74
C THR A 156 -4.74 -14.12 -12.35
N VAL A 157 -5.47 -14.52 -11.32
CA VAL A 157 -5.05 -14.29 -9.94
C VAL A 157 -4.17 -15.46 -9.53
N GLU A 158 -2.96 -15.16 -9.10
CA GLU A 158 -2.05 -16.19 -8.63
C GLU A 158 -1.98 -16.12 -7.11
N PHE A 159 -2.64 -17.06 -6.44
CA PHE A 159 -2.68 -17.08 -4.98
C PHE A 159 -1.41 -17.74 -4.45
N CYS A 160 -0.70 -17.08 -3.52
CA CYS A 160 0.55 -17.64 -3.03
C CYS A 160 0.63 -17.77 -1.52
N TYR A 161 -0.40 -17.35 -0.77
CA TYR A 161 -0.21 -17.19 0.66
C TYR A 161 -1.57 -17.18 1.31
N LEU A 162 -1.71 -17.88 2.44
CA LEU A 162 -2.83 -17.67 3.34
C LEU A 162 -2.22 -17.45 4.71
N HIS A 163 -2.58 -16.33 5.33
CA HIS A 163 -1.97 -15.97 6.60
C HIS A 163 -2.30 -16.98 7.71
N GLN A 164 -1.29 -17.26 8.55
CA GLN A 164 -1.46 -18.30 9.58
C GLN A 164 -1.16 -17.77 10.97
N LEU A 165 -0.01 -17.11 11.16
CA LEU A 165 0.43 -16.89 12.53
C LEU A 165 1.47 -15.79 12.58
N GLU A 166 1.73 -15.35 13.81
CA GLU A 166 2.76 -14.38 14.16
C GLU A 166 3.76 -15.04 15.09
N LEU A 167 5.04 -14.93 14.76
CA LEU A 167 6.11 -15.41 15.63
C LEU A 167 6.30 -14.49 16.84
N GLY A 168 6.97 -15.00 17.87
CA GLY A 168 7.21 -14.20 19.06
C GLY A 168 7.87 -12.88 18.78
N SER A 169 8.65 -12.80 17.70
CA SER A 169 9.32 -11.56 17.31
C SER A 169 8.38 -10.57 16.63
N GLY A 170 7.21 -11.00 16.15
CA GLY A 170 6.36 -10.15 15.36
C GLY A 170 6.38 -10.44 13.87
N CYS A 171 7.31 -11.28 13.39
CA CYS A 171 7.33 -11.69 12.00
C CYS A 171 6.07 -12.50 11.69
N HIS A 172 5.53 -12.33 10.47
CA HIS A 172 4.30 -13.00 10.10
C HIS A 172 4.56 -14.16 9.15
N VAL A 173 3.79 -15.23 9.33
CA VAL A 173 4.02 -16.50 8.63
C VAL A 173 2.71 -16.99 8.06
N GLY A 174 2.74 -17.45 6.81
CA GLY A 174 1.59 -18.05 6.18
C GLY A 174 1.95 -19.36 5.51
N SER A 175 0.94 -20.01 4.98
CA SER A 175 1.17 -21.20 4.18
C SER A 175 0.86 -20.90 2.73
N ASP A 176 1.42 -21.69 1.83
CA ASP A 176 0.97 -21.64 0.45
C ASP A 176 -0.40 -22.32 0.31
N LEU A 177 -0.98 -22.22 -0.89
CA LEU A 177 -2.32 -22.77 -1.09
C LEU A 177 -2.30 -24.28 -1.22
N ASP A 178 -1.10 -24.86 -1.35
CA ASP A 178 -0.88 -26.30 -1.16
C ASP A 178 -1.00 -26.73 0.30
N GLY A 179 -0.96 -25.79 1.24
CA GLY A 179 -0.93 -26.14 2.64
C GLY A 179 0.46 -26.39 3.21
N VAL A 180 1.50 -26.02 2.49
CA VAL A 180 2.87 -26.10 2.97
C VAL A 180 3.19 -24.75 3.61
N MET A 181 3.49 -24.76 4.90
CA MET A 181 3.96 -23.57 5.60
C MET A 181 5.24 -23.02 5.00
N TYR A 182 5.28 -21.71 4.72
CA TYR A 182 6.53 -21.09 4.30
C TYR A 182 7.56 -21.24 5.41
N GLY A 183 8.79 -21.57 5.02
CA GLY A 183 9.87 -21.64 5.99
C GLY A 183 9.83 -22.83 6.92
N GLY A 184 8.87 -23.76 6.76
CA GLY A 184 8.78 -24.92 7.61
C GLY A 184 8.31 -24.66 9.02
N TYR A 185 7.87 -23.43 9.33
CA TYR A 185 7.40 -23.15 10.68
C TYR A 185 6.18 -24.01 10.98
N GLU A 186 5.96 -24.28 12.26
CA GLU A 186 4.78 -25.06 12.64
C GLU A 186 3.58 -24.17 12.94
N ASP A 187 2.39 -24.65 12.58
CA ASP A 187 1.15 -24.00 12.99
C ASP A 187 0.74 -24.50 14.39
N GLN A 188 1.61 -24.18 15.35
CA GLN A 188 1.50 -24.53 16.75
C GLN A 188 1.94 -23.32 17.56
N PRO A 189 1.43 -23.14 18.79
CA PRO A 189 1.83 -21.99 19.61
C PRO A 189 3.14 -22.22 20.37
N THR A 190 4.21 -22.55 19.63
CA THR A 190 5.48 -22.92 20.21
C THR A 190 6.47 -21.75 20.19
N LEU A 191 7.72 -22.00 20.61
CA LEU A 191 8.74 -20.98 20.76
C LEU A 191 9.68 -20.87 19.57
N GLN A 192 9.18 -21.14 18.36
CA GLN A 192 10.04 -21.10 17.19
C GLN A 192 10.47 -19.68 16.87
N VAL A 193 11.75 -19.53 16.52
CA VAL A 193 12.32 -18.23 16.22
C VAL A 193 12.81 -18.24 14.78
N GLU A 194 12.47 -17.20 14.03
CA GLU A 194 12.88 -17.07 12.65
C GLU A 194 14.40 -16.97 12.51
N GLY A 195 14.90 -17.49 11.40
CA GLY A 195 16.31 -17.40 11.11
C GLY A 195 16.75 -15.97 10.92
N ALA A 196 18.06 -15.79 10.93
CA ALA A 196 18.63 -14.51 10.53
C ALA A 196 18.10 -14.15 9.14
N SER A 197 17.81 -12.88 8.94
CA SER A 197 17.33 -12.40 7.65
C SER A 197 18.45 -11.65 6.95
N SER A 198 18.58 -11.87 5.65
CA SER A 198 19.57 -11.19 4.82
C SER A 198 18.84 -10.27 3.86
N LEU A 199 19.35 -9.04 3.72
CA LEU A 199 18.81 -8.13 2.73
C LEU A 199 19.02 -8.71 1.34
N PHE A 200 17.98 -8.63 0.51
CA PHE A 200 18.04 -9.16 -0.85
C PHE A 200 18.73 -8.14 -1.75
N THR A 201 20.02 -8.39 -2.06
CA THR A 201 20.84 -7.38 -2.72
C THR A 201 20.24 -6.96 -4.05
N GLU A 202 19.71 -7.92 -4.82
CA GLU A 202 19.12 -7.60 -6.11
C GLU A 202 17.99 -6.58 -5.95
N ASN A 203 17.23 -6.68 -4.86
CA ASN A 203 16.17 -5.70 -4.60
C ASN A 203 16.74 -4.35 -4.19
N VAL A 204 17.75 -4.33 -3.31
CA VAL A 204 18.42 -3.08 -2.96
C VAL A 204 18.90 -2.33 -4.19
N LEU A 205 19.52 -3.06 -5.13
CA LEU A 205 19.93 -2.48 -6.40
C LEU A 205 18.75 -1.86 -7.15
N ALA A 206 17.61 -2.55 -7.19
CA ALA A 206 16.44 -1.96 -7.82
C ALA A 206 16.04 -0.65 -7.16
N PHE A 207 16.04 -0.61 -5.84
CA PHE A 207 15.70 0.61 -5.11
C PHE A 207 16.67 1.73 -5.48
N LEU A 208 17.97 1.42 -5.58
CA LEU A 208 18.96 2.45 -5.87
C LEU A 208 18.87 2.94 -7.30
N TYR A 209 18.57 2.06 -8.25
CA TYR A 209 18.31 2.52 -9.61
C TYR A 209 17.06 3.40 -9.67
N ALA A 210 15.99 3.00 -8.96
CA ALA A 210 14.83 3.88 -8.87
C ALA A 210 15.22 5.22 -8.26
N ALA A 211 16.09 5.19 -7.25
CA ALA A 211 16.56 6.43 -6.64
C ALA A 211 17.28 7.31 -7.67
N LEU A 212 18.14 6.71 -8.50
CA LEU A 212 18.82 7.47 -9.56
C LEU A 212 17.83 8.07 -10.54
N ILE A 213 16.89 7.26 -11.03
CA ILE A 213 15.90 7.74 -12.00
C ILE A 213 15.10 8.91 -11.43
N ASN A 214 14.90 8.92 -10.11
CA ASN A 214 14.20 9.99 -9.41
C ASN A 214 15.13 11.11 -8.96
N GLY A 215 16.34 11.18 -9.51
CA GLY A 215 17.22 12.31 -9.30
C GLY A 215 18.06 12.27 -8.04
N SER A 216 18.02 11.19 -7.26
CA SER A 216 18.77 11.09 -6.02
C SER A 216 20.14 10.47 -6.34
N THR A 217 21.21 11.28 -6.21
CA THR A 217 22.54 10.84 -6.61
C THR A 217 23.64 11.10 -5.60
N TRP A 218 23.34 11.75 -4.46
CA TRP A 218 24.39 12.15 -3.53
C TRP A 218 25.18 10.95 -3.01
N TRP A 219 24.56 9.78 -2.94
CA TRP A 219 25.17 8.57 -2.45
C TRP A 219 25.92 7.82 -3.54
N LEU A 220 25.83 8.27 -4.78
CA LEU A 220 26.44 7.52 -5.88
C LEU A 220 27.95 7.59 -5.78
N SER A 221 28.56 6.41 -5.74
CA SER A 221 30.00 6.25 -5.74
C SER A 221 30.54 6.46 -7.16
N SER A 222 31.72 7.07 -7.26
CA SER A 222 32.50 6.83 -8.48
C SER A 222 33.31 5.54 -8.36
N SER A 223 33.67 5.16 -7.15
CA SER A 223 34.33 3.90 -6.90
C SER A 223 33.45 2.74 -7.39
N ARG A 224 34.11 1.63 -7.70
CA ARG A 224 33.49 0.50 -8.35
C ARG A 224 33.91 -0.75 -7.57
N ILE A 225 33.14 -1.83 -7.69
CA ILE A 225 33.58 -3.11 -7.10
C ILE A 225 32.95 -4.30 -7.81
N ALA A 226 33.78 -5.28 -8.16
CA ALA A 226 33.30 -6.46 -8.84
C ALA A 226 32.34 -7.25 -7.95
N VAL A 227 31.43 -7.99 -8.60
CA VAL A 227 30.44 -8.80 -7.89
C VAL A 227 31.10 -9.72 -6.88
N ASP A 228 32.19 -10.38 -7.30
CA ASP A 228 32.87 -11.35 -6.44
C ASP A 228 33.39 -10.72 -5.15
N ARG A 229 34.06 -9.58 -5.23
CA ARG A 229 34.53 -8.96 -4.00
C ARG A 229 33.37 -8.41 -3.16
N PHE A 230 32.26 -8.10 -3.81
CA PHE A 230 31.05 -7.74 -3.07
C PHE A 230 30.51 -8.94 -2.30
N ASN A 231 30.38 -10.08 -2.99
CA ASN A 231 29.81 -11.29 -2.38
C ASN A 231 30.59 -11.74 -1.14
N GLU A 232 31.91 -11.65 -1.17
CA GLU A 232 32.68 -11.97 0.03
C GLU A 232 32.38 -11.01 1.16
N TRP A 233 32.09 -9.74 0.84
CA TRP A 233 31.79 -8.76 1.88
C TRP A 233 30.38 -8.92 2.43
N ALA A 234 29.45 -9.38 1.58
CA ALA A 234 28.04 -9.46 1.95
C ALA A 234 27.84 -10.45 3.10
N VAL A 235 28.40 -11.65 2.96
CA VAL A 235 28.15 -12.74 3.88
C VAL A 235 28.60 -12.47 5.31
N HIS A 236 29.34 -11.38 5.56
CA HIS A 236 29.62 -10.93 6.92
C HIS A 236 28.85 -9.67 7.27
N ASN A 237 27.92 -9.23 6.41
CA ASN A 237 27.18 -7.99 6.61
C ASN A 237 25.69 -8.10 6.30
N GLY A 238 25.14 -9.31 6.32
CA GLY A 238 23.71 -9.47 6.29
C GLY A 238 23.04 -9.16 4.97
N MET A 239 23.69 -9.47 3.86
CA MET A 239 23.09 -9.29 2.55
C MET A 239 23.33 -10.54 1.73
N THR A 240 22.52 -10.71 0.69
CA THR A 240 22.62 -11.87 -0.17
C THR A 240 23.62 -11.62 -1.29
N THR A 241 23.78 -12.61 -2.17
CA THR A 241 24.70 -12.53 -3.29
C THR A 241 23.96 -12.16 -4.57
N VAL A 242 24.74 -11.81 -5.59
CA VAL A 242 24.22 -11.36 -6.88
C VAL A 242 24.62 -12.37 -7.95
N VAL A 243 23.65 -12.79 -8.76
CA VAL A 243 23.92 -13.79 -9.81
C VAL A 243 23.41 -13.30 -11.17
N ASN A 244 22.27 -12.63 -11.19
CA ASN A 244 21.77 -11.96 -12.40
C ASN A 244 22.22 -10.51 -12.28
N THR A 245 23.43 -10.21 -12.75
CA THR A 245 23.77 -8.81 -12.97
C THR A 245 23.24 -8.31 -14.30
N ASP A 246 22.21 -8.98 -14.83
CA ASP A 246 21.72 -8.71 -16.17
C ASP A 246 20.25 -8.32 -16.23
N CYS A 247 19.49 -8.55 -15.16
CA CYS A 247 18.20 -7.89 -14.99
C CYS A 247 18.36 -6.38 -14.84
N PHE A 248 19.59 -5.91 -14.61
CA PHE A 248 19.89 -4.50 -14.43
C PHE A 248 20.34 -3.82 -15.72
N SER A 249 20.45 -4.57 -16.82
CA SER A 249 20.91 -3.98 -18.08
C SER A 249 19.99 -2.85 -18.53
N ILE A 250 18.68 -3.05 -18.41
CA ILE A 250 17.71 -1.99 -18.71
C ILE A 250 18.00 -0.75 -17.87
N PHE A 251 18.31 -0.95 -16.58
CA PHE A 251 18.53 0.19 -15.69
C PHE A 251 19.87 0.86 -16.00
N ALA A 252 20.90 0.07 -16.28
CA ALA A 252 22.21 0.64 -16.62
C ALA A 252 22.16 1.44 -17.91
N ALA A 253 21.23 1.12 -18.81
CA ALA A 253 21.13 1.88 -20.06
C ALA A 253 20.38 3.19 -19.89
N LYS A 254 19.35 3.25 -19.05
CA LYS A 254 18.63 4.50 -18.88
C LYS A 254 19.20 5.43 -17.82
N THR A 255 20.22 4.99 -17.06
CA THR A 255 20.86 5.87 -16.10
C THR A 255 22.34 6.13 -16.37
N GLY A 256 23.01 5.27 -17.15
CA GLY A 256 24.46 5.33 -17.30
C GLY A 256 25.27 4.83 -16.13
N VAL A 257 24.64 4.32 -15.08
CA VAL A 257 25.35 3.81 -13.92
C VAL A 257 25.36 2.29 -13.97
N ASP A 258 26.55 1.70 -13.81
CA ASP A 258 26.67 0.25 -13.84
C ASP A 258 26.52 -0.33 -12.45
N VAL A 259 26.18 -1.63 -12.43
CA VAL A 259 25.93 -2.36 -11.19
C VAL A 259 27.08 -2.16 -10.20
N GLN A 260 28.32 -2.27 -10.69
CA GLN A 260 29.46 -2.28 -9.79
C GLN A 260 29.60 -0.97 -9.03
N ARG A 261 29.09 0.13 -9.59
CA ARG A 261 29.12 1.39 -8.85
C ARG A 261 28.07 1.39 -7.75
N LEU A 262 26.90 0.83 -8.02
CA LEU A 262 25.87 0.68 -6.99
C LEU A 262 26.33 -0.29 -5.90
N LEU A 263 27.01 -1.37 -6.28
CA LEU A 263 27.51 -2.32 -5.29
C LEU A 263 28.47 -1.65 -4.32
N ALA A 264 29.30 -0.72 -4.84
CA ALA A 264 30.18 0.06 -3.98
C ALA A 264 29.40 1.04 -3.13
N SER A 265 28.31 1.59 -3.65
CA SER A 265 27.48 2.47 -2.83
C SER A 265 26.78 1.70 -1.72
N ILE A 266 26.33 0.49 -2.03
CA ILE A 266 25.65 -0.35 -1.00
C ILE A 266 26.55 -0.52 0.23
N GLN A 267 27.85 -0.72 0.05
CA GLN A 267 28.73 -1.03 1.21
C GLN A 267 28.89 0.18 2.11
N SER A 268 28.87 1.38 1.54
CA SER A 268 28.94 2.59 2.39
C SER A 268 27.58 2.84 3.02
N LEU A 269 26.51 2.65 2.25
CA LEU A 269 25.16 2.96 2.77
C LEU A 269 24.76 1.95 3.85
N HIS A 270 25.24 0.72 3.74
CA HIS A 270 24.99 -0.27 4.81
C HIS A 270 25.40 0.59 6.01
N LYS A 271 24.55 0.61 7.03
CA LYS A 271 24.79 1.50 8.20
C LYS A 271 25.85 2.55 7.87
N PHE A 273 23.82 6.19 6.38
CA PHE A 273 23.27 7.25 5.53
C PHE A 273 23.73 8.66 5.91
N GLY A 274 24.18 8.86 7.16
CA GLY A 274 24.77 10.12 7.56
C GLY A 274 23.81 11.27 7.80
N GLY A 275 22.56 10.99 8.19
CA GLY A 275 21.57 12.01 8.37
C GLY A 275 20.83 12.40 7.11
N LYS A 276 21.20 11.81 5.98
CA LYS A 276 20.52 12.06 4.72
C LYS A 276 19.55 10.92 4.42
N GLN A 277 18.76 11.09 3.39
CA GLN A 277 17.72 10.12 3.03
C GLN A 277 17.80 9.78 1.55
N ILE A 278 17.23 8.62 1.19
CA ILE A 278 17.07 8.22 -0.20
C ILE A 278 15.60 7.91 -0.40
N LEU A 279 14.90 8.76 -1.15
CA LEU A 279 13.46 8.58 -1.39
C LEU A 279 12.69 8.40 -0.08
N GLY A 280 13.09 9.17 0.95
CA GLY A 280 12.44 9.12 2.24
C GLY A 280 13.03 8.14 3.23
N TYR A 281 13.81 7.16 2.76
CA TYR A 281 14.37 6.11 3.61
C TYR A 281 15.69 6.57 4.22
N THR A 282 15.92 6.14 5.46
CA THR A 282 17.17 6.39 6.18
C THR A 282 17.99 5.10 6.33
N SER A 283 17.56 4.03 5.69
CA SER A 283 18.20 2.72 5.72
C SER A 283 17.89 2.04 4.38
N LEU A 284 18.77 1.15 3.97
CA LEU A 284 18.54 0.43 2.72
C LEU A 284 17.28 -0.40 2.88
N THR A 285 16.49 -0.46 1.81
CA THR A 285 15.30 -1.30 1.79
C THR A 285 15.43 -2.33 0.67
N ASP A 286 14.97 -3.54 0.95
CA ASP A 286 14.93 -4.61 -0.03
C ASP A 286 13.50 -5.04 -0.39
N GLU A 287 12.51 -4.17 -0.19
CA GLU A 287 11.11 -4.53 -0.41
C GLU A 287 10.68 -4.36 -1.87
N PHE A 288 11.52 -3.80 -2.74
CA PHE A 288 11.14 -3.49 -4.13
C PHE A 288 11.92 -4.39 -5.07
N THR A 289 11.21 -5.05 -5.98
CA THR A 289 11.88 -5.88 -6.97
C THR A 289 12.11 -5.09 -8.24
N THR A 290 13.01 -5.59 -9.07
CA THR A 290 13.24 -4.96 -10.37
C THR A 290 11.93 -4.83 -11.15
N GLY A 291 11.06 -5.84 -11.06
CA GLY A 291 9.80 -5.78 -11.78
C GLY A 291 8.93 -4.65 -11.31
N GLU A 292 8.77 -4.51 -9.99
CA GLU A 292 8.01 -3.41 -9.41
C GLU A 292 8.56 -2.07 -9.87
N VAL A 293 9.88 -1.89 -9.76
CA VAL A 293 10.49 -0.62 -10.14
C VAL A 293 10.23 -0.31 -11.60
N ILE A 294 10.45 -1.29 -12.48
CA ILE A 294 10.21 -1.10 -13.91
C ILE A 294 8.79 -0.62 -14.17
N ARG A 295 7.80 -1.31 -13.57
CA ARG A 295 6.40 -0.89 -13.74
C ARG A 295 6.19 0.56 -13.32
N GLN A 296 6.69 0.95 -12.15
CA GLN A 296 6.42 2.30 -11.67
C GLN A 296 7.16 3.36 -12.49
N MET A 297 8.35 3.05 -12.99
CA MET A 297 9.14 4.05 -13.70
C MET A 297 8.77 4.16 -15.16
N TYR A 298 8.28 3.08 -15.78
CA TYR A 298 8.06 3.07 -17.22
C TYR A 298 6.72 2.51 -17.68
N GLY A 299 5.95 1.85 -16.81
CA GLY A 299 4.62 1.41 -17.16
C GLY A 299 4.51 -0.01 -17.72
N VAL A 300 5.61 -0.62 -18.14
CA VAL A 300 5.52 -1.98 -18.73
C VAL A 300 5.74 -3.08 -17.67
N ALA B 2 0.21 -7.78 15.60
CA ALA B 2 1.20 -6.70 15.76
C ALA B 2 1.67 -6.22 14.39
N GLY B 3 2.46 -5.16 14.35
CA GLY B 3 2.94 -4.63 13.10
C GLY B 3 2.23 -3.32 12.74
N LEU B 4 2.86 -2.57 11.85
CA LEU B 4 2.28 -1.33 11.33
C LEU B 4 2.67 -1.21 9.87
N ARG B 5 1.68 -1.10 8.99
CA ARG B 5 1.94 -0.97 7.56
C ARG B 5 0.99 0.07 6.98
N LYS B 6 1.52 0.90 6.10
CA LYS B 6 0.71 1.82 5.31
C LYS B 6 -0.08 1.01 4.29
N MET B 7 -1.38 1.06 4.40
CA MET B 7 -2.32 0.18 3.73
C MET B 7 -3.28 1.06 2.96
N ALA B 8 -3.88 0.51 1.91
CA ALA B 8 -5.00 1.14 1.23
C ALA B 8 -6.26 0.39 1.63
N GLN B 9 -7.39 1.08 1.66
CA GLN B 9 -8.65 0.36 1.78
C GLN B 9 -8.91 -0.37 0.47
N PRO B 10 -9.67 -1.47 0.51
CA PRO B 10 -9.89 -2.29 -0.69
C PRO B 10 -10.50 -1.47 -1.83
N SER B 11 -10.01 -1.71 -3.05
CA SER B 11 -10.31 -0.85 -4.19
C SER B 11 -11.46 -1.35 -5.05
N GLY B 12 -12.05 -2.52 -4.75
CA GLY B 12 -13.06 -3.11 -5.63
C GLY B 12 -14.17 -2.14 -6.01
N VAL B 13 -14.75 -1.46 -5.01
CA VAL B 13 -15.89 -0.56 -5.29
C VAL B 13 -15.51 0.59 -6.22
N VAL B 14 -14.25 0.99 -6.22
CA VAL B 14 -13.82 2.09 -7.07
C VAL B 14 -13.37 1.63 -8.45
N GLU B 15 -12.84 0.40 -8.57
CA GLU B 15 -12.31 -0.07 -9.85
C GLU B 15 -13.35 -0.01 -10.97
N LYS B 16 -14.62 -0.23 -10.63
CA LYS B 16 -15.67 -0.29 -11.64
C LYS B 16 -16.11 1.09 -12.15
N CYS B 17 -15.51 2.15 -11.61
CA CYS B 17 -15.84 3.54 -11.95
C CYS B 17 -14.80 4.20 -12.84
N ILE B 18 -13.74 3.50 -13.20
CA ILE B 18 -12.65 4.06 -13.98
C ILE B 18 -12.96 3.90 -15.46
N VAL B 19 -12.81 4.99 -16.22
CA VAL B 19 -12.95 4.97 -17.67
C VAL B 19 -11.75 5.63 -18.31
N ARG B 20 -11.59 5.37 -19.59
CA ARG B 20 -10.45 5.85 -20.36
C ARG B 20 -11.01 7.02 -21.16
N VAL B 21 -10.42 8.20 -21.02
CA VAL B 21 -10.95 9.41 -21.67
C VAL B 21 -9.94 9.91 -22.68
N CYS B 22 -10.33 9.86 -23.95
CA CYS B 22 -9.51 10.26 -25.10
C CYS B 22 -10.04 11.55 -25.71
N TYR B 23 -9.11 12.43 -26.11
CA TYR B 23 -9.47 13.58 -26.94
C TYR B 23 -8.26 13.97 -27.77
N GLY B 24 -8.34 13.74 -29.08
CA GLY B 24 -7.22 14.06 -29.95
C GLY B 24 -6.00 13.27 -29.53
N ASN B 25 -4.92 13.98 -29.22
CA ASN B 25 -3.65 13.36 -28.89
C ASN B 25 -3.49 13.09 -27.40
N MET B 26 -4.50 13.43 -26.59
CA MET B 26 -4.46 13.26 -25.14
C MET B 26 -5.31 12.07 -24.71
N ALA B 27 -4.79 11.32 -23.75
CA ALA B 27 -5.54 10.24 -23.13
C ALA B 27 -5.22 10.23 -21.64
N LEU B 28 -6.25 10.25 -20.81
CA LEU B 28 -6.09 10.10 -19.38
C LEU B 28 -7.29 9.32 -18.86
N ASN B 29 -7.51 9.39 -17.55
CA ASN B 29 -8.51 8.58 -16.87
C ASN B 29 -9.69 9.45 -16.46
N GLY B 30 -10.86 8.82 -16.36
CA GLY B 30 -12.03 9.49 -15.87
C GLY B 30 -12.72 8.64 -14.82
N LEU B 31 -13.61 9.31 -14.09
CA LEU B 31 -14.39 8.73 -13.01
C LEU B 31 -15.85 8.79 -13.43
N TRP B 32 -16.42 7.63 -13.70
CA TRP B 32 -17.77 7.50 -14.24
C TRP B 32 -18.69 7.15 -13.08
N LEU B 33 -19.58 8.08 -12.72
CA LEU B 33 -20.57 7.87 -11.66
C LEU B 33 -21.91 8.34 -12.18
N GLY B 34 -22.93 7.51 -12.00
CA GLY B 34 -24.20 7.80 -12.65
C GLY B 34 -23.98 7.95 -14.15
N ASP B 35 -24.47 9.04 -14.73
CA ASP B 35 -24.33 9.29 -16.15
C ASP B 35 -23.32 10.40 -16.45
N THR B 36 -22.39 10.64 -15.55
CA THR B 36 -21.36 11.66 -15.74
C THR B 36 -19.97 11.05 -15.59
N VAL B 37 -19.03 11.56 -16.38
CA VAL B 37 -17.62 11.23 -16.25
C VAL B 37 -16.90 12.53 -15.91
N MET B 38 -16.12 12.51 -14.84
CA MET B 38 -15.32 13.65 -14.41
C MET B 38 -13.88 13.35 -14.80
N CYS B 39 -13.18 14.34 -15.33
CA CYS B 39 -11.78 14.10 -15.65
C CYS B 39 -11.04 15.43 -15.70
N PRO B 40 -9.70 15.40 -15.66
CA PRO B 40 -8.95 16.66 -15.73
C PRO B 40 -9.16 17.36 -17.07
N ARG B 41 -9.31 18.68 -17.02
CA ARG B 41 -9.64 19.42 -18.23
C ARG B 41 -8.49 19.50 -19.23
N HIS B 42 -7.24 19.26 -18.80
CA HIS B 42 -6.15 19.30 -19.78
C HIS B 42 -6.22 18.21 -20.84
N VAL B 43 -7.18 17.28 -20.74
CA VAL B 43 -7.42 16.34 -21.84
C VAL B 43 -7.85 17.06 -23.12
N ILE B 44 -8.43 18.26 -23.00
CA ILE B 44 -8.88 18.97 -24.20
C ILE B 44 -7.88 20.01 -24.68
N ALA B 45 -6.73 20.13 -24.02
CA ALA B 45 -5.76 21.15 -24.37
C ALA B 45 -4.87 20.69 -25.52
N SER B 46 -4.57 21.63 -26.43
CA SER B 46 -3.92 21.28 -27.69
C SER B 46 -2.50 20.73 -27.46
N SER B 47 -1.78 21.27 -26.49
CA SER B 47 -0.38 20.86 -26.28
C SER B 47 0.03 20.96 -24.82
N THR B 49 3.22 23.24 -23.10
CA THR B 49 4.16 24.30 -23.49
C THR B 49 3.92 25.59 -22.68
N SER B 50 3.08 26.49 -23.21
CA SER B 50 2.77 27.77 -22.55
C SER B 50 1.33 27.75 -22.01
N THR B 51 0.80 28.93 -21.69
CA THR B 51 -0.49 29.02 -21.04
C THR B 51 -1.62 28.50 -21.92
N ILE B 52 -2.53 27.72 -21.32
CA ILE B 52 -3.69 27.18 -22.01
C ILE B 52 -4.89 28.05 -21.65
N ASP B 53 -5.67 28.44 -22.65
CA ASP B 53 -6.93 29.14 -22.41
C ASP B 53 -7.96 28.01 -22.51
N TYR B 54 -8.40 27.52 -21.36
CA TYR B 54 -9.28 26.37 -21.35
C TYR B 54 -10.67 26.72 -21.88
N ASP B 55 -11.10 27.99 -21.70
CA ASP B 55 -12.38 28.42 -22.25
C ASP B 55 -12.38 28.40 -23.76
N TYR B 56 -11.26 28.79 -24.36
CA TYR B 56 -11.13 28.68 -25.80
C TYR B 56 -11.16 27.22 -26.24
N ALA B 57 -10.33 26.39 -25.60
CA ALA B 57 -10.30 24.96 -25.91
C ALA B 57 -11.68 24.34 -25.81
N LEU B 58 -12.48 24.75 -24.83
CA LEU B 58 -13.85 24.25 -24.74
C LEU B 58 -14.73 24.80 -25.85
N SER B 59 -14.46 26.04 -26.30
CA SER B 59 -15.29 26.64 -27.32
C SER B 59 -15.09 25.99 -28.69
N VAL B 60 -13.90 25.46 -28.95
CA VAL B 60 -13.58 24.84 -30.23
C VAL B 60 -13.73 23.32 -30.20
N LEU B 61 -14.35 22.77 -29.16
CA LEU B 61 -14.38 21.33 -28.98
C LEU B 61 -15.60 20.75 -29.67
N ARG B 62 -15.44 19.56 -30.25
CA ARG B 62 -16.54 18.80 -30.84
C ARG B 62 -16.76 17.52 -30.05
N LEU B 63 -18.02 17.30 -29.64
CA LEU B 63 -18.31 16.17 -28.77
C LEU B 63 -17.88 14.86 -29.41
N HIS B 64 -18.04 14.76 -30.74
CA HIS B 64 -17.75 13.52 -31.45
C HIS B 64 -16.27 13.17 -31.48
N ASN B 65 -15.39 13.98 -30.90
CA ASN B 65 -13.97 13.67 -30.88
C ASN B 65 -13.50 13.05 -29.57
N PHE B 66 -14.38 12.96 -28.58
CA PHE B 66 -14.08 12.19 -27.37
C PHE B 66 -14.22 10.71 -27.68
N SER B 67 -13.29 9.91 -27.16
CA SER B 67 -13.47 8.46 -27.08
C SER B 67 -13.43 8.12 -25.60
N ILE B 68 -14.57 7.75 -25.04
CA ILE B 68 -14.66 7.37 -23.63
C ILE B 68 -15.07 5.90 -23.57
N SER B 69 -14.27 5.10 -22.86
CA SER B 69 -14.53 3.67 -22.83
C SER B 69 -14.36 3.11 -21.42
N SER B 70 -15.26 2.18 -21.07
CA SER B 70 -15.16 1.35 -19.87
C SER B 70 -14.77 -0.05 -20.36
N GLY B 71 -13.48 -0.37 -20.27
CA GLY B 71 -12.97 -1.56 -20.91
C GLY B 71 -13.17 -1.43 -22.41
N ASN B 72 -13.93 -2.35 -23.00
CA ASN B 72 -14.18 -2.29 -24.43
C ASN B 72 -15.56 -1.72 -24.77
N VAL B 73 -16.26 -1.16 -23.79
CA VAL B 73 -17.59 -0.56 -23.97
C VAL B 73 -17.42 0.95 -24.13
N PHE B 74 -17.91 1.50 -25.24
CA PHE B 74 -17.73 2.93 -25.52
C PHE B 74 -18.97 3.71 -25.13
N LEU B 75 -18.76 4.87 -24.51
CA LEU B 75 -19.85 5.69 -23.98
C LEU B 75 -20.06 6.90 -24.89
N GLY B 76 -21.31 7.18 -25.22
CA GLY B 76 -21.59 8.33 -26.07
C GLY B 76 -21.59 9.60 -25.26
N VAL B 77 -20.93 10.62 -25.76
CA VAL B 77 -20.85 11.91 -25.07
C VAL B 77 -22.05 12.76 -25.44
N VAL B 78 -22.78 13.23 -24.44
CA VAL B 78 -23.97 14.05 -24.63
C VAL B 78 -23.65 15.54 -24.45
N GLY B 79 -22.82 15.89 -23.46
CA GLY B 79 -22.46 17.28 -23.23
C GLY B 79 -21.23 17.39 -22.37
N VAL B 80 -20.66 18.59 -22.32
CA VAL B 80 -19.47 18.88 -21.53
C VAL B 80 -19.66 20.21 -20.81
N THR B 81 -19.23 20.26 -19.54
CA THR B 81 -19.23 21.48 -18.74
C THR B 81 -17.88 21.58 -18.08
N MET B 82 -17.35 22.80 -18.00
CA MET B 82 -16.21 23.09 -17.14
C MET B 82 -16.60 23.06 -15.68
N ARG B 83 -15.73 22.48 -14.85
CA ARG B 83 -15.95 22.47 -13.41
C ARG B 83 -14.58 22.73 -12.78
N GLY B 84 -14.20 24.00 -12.69
CA GLY B 84 -12.86 24.33 -12.24
C GLY B 84 -11.82 23.64 -13.13
N ALA B 85 -10.93 22.85 -12.51
CA ALA B 85 -9.87 22.12 -13.21
C ALA B 85 -10.34 20.78 -13.78
N LEU B 86 -11.64 20.53 -13.76
CA LEU B 86 -12.24 19.30 -14.23
C LEU B 86 -13.18 19.61 -15.38
N LEU B 87 -13.43 18.60 -16.19
CA LEU B 87 -14.56 18.59 -17.10
C LEU B 87 -15.61 17.66 -16.50
N GLN B 88 -16.87 18.08 -16.57
CA GLN B 88 -18.01 17.24 -16.24
C GLN B 88 -18.62 16.82 -17.57
N ILE B 89 -18.42 15.57 -17.95
CA ILE B 89 -18.86 15.05 -19.23
C ILE B 89 -20.13 14.23 -19.04
N LYS B 90 -21.24 14.67 -19.62
CA LYS B 90 -22.48 13.92 -19.58
C LYS B 90 -22.39 12.81 -20.61
N VAL B 91 -22.72 11.58 -20.21
CA VAL B 91 -22.66 10.44 -21.11
C VAL B 91 -24.05 9.80 -21.20
N ASN B 92 -24.25 8.98 -22.22
CA ASN B 92 -25.57 8.42 -22.51
C ASN B 92 -25.87 7.13 -21.73
N GLN B 93 -24.97 6.67 -20.87
CA GLN B 93 -25.15 5.43 -20.12
C GLN B 93 -24.92 5.66 -18.64
N ASN B 94 -25.84 5.17 -17.81
CA ASN B 94 -25.64 5.10 -16.37
C ASN B 94 -24.65 3.99 -16.00
N ASN B 95 -23.74 4.31 -15.08
CA ASN B 95 -22.84 3.29 -14.55
C ASN B 95 -23.61 2.49 -13.50
N VAL B 96 -24.00 1.26 -13.84
CA VAL B 96 -24.78 0.42 -12.94
C VAL B 96 -24.01 0.03 -11.69
N HIS B 97 -22.68 0.10 -11.74
CA HIS B 97 -21.83 -0.17 -10.57
C HIS B 97 -21.45 1.11 -9.80
N THR B 98 -22.23 2.18 -9.91
CA THR B 98 -21.96 3.39 -9.12
C THR B 98 -22.20 3.09 -7.64
N PRO B 99 -21.21 3.26 -6.78
CA PRO B 99 -21.43 3.08 -5.34
C PRO B 99 -22.20 4.26 -4.79
N LYS B 100 -22.68 4.10 -3.55
CA LYS B 100 -23.09 5.30 -2.82
C LYS B 100 -21.82 6.12 -2.58
N TYR B 101 -21.87 7.42 -2.86
CA TYR B 101 -20.65 8.21 -2.80
C TYR B 101 -20.95 9.64 -2.40
N THR B 102 -19.90 10.31 -1.94
CA THR B 102 -19.91 11.74 -1.63
C THR B 102 -18.58 12.35 -2.06
N TYR B 103 -18.52 13.67 -2.02
CA TYR B 103 -17.30 14.42 -2.29
C TYR B 103 -16.83 15.07 -0.98
N ARG B 104 -15.53 15.06 -0.74
CA ARG B 104 -15.00 15.77 0.42
C ARG B 104 -13.62 16.31 0.11
N THR B 105 -13.33 17.50 0.60
CA THR B 105 -12.00 18.08 0.43
C THR B 105 -11.16 17.74 1.66
N VAL B 106 -10.02 17.09 1.45
CA VAL B 106 -9.19 16.68 2.57
C VAL B 106 -8.33 17.86 3.01
N ARG B 107 -7.90 17.80 4.26
CA ARG B 107 -7.04 18.83 4.83
C ARG B 107 -5.64 18.26 5.05
N PRO B 108 -4.62 19.10 5.23
CA PRO B 108 -3.28 18.59 5.48
C PRO B 108 -3.25 17.60 6.65
N GLY B 109 -2.52 16.49 6.47
CA GLY B 109 -2.38 15.47 7.48
C GLY B 109 -3.34 14.30 7.35
N GLU B 110 -4.41 14.46 6.57
CA GLU B 110 -5.43 13.41 6.42
C GLU B 110 -4.97 12.34 5.43
N SER B 111 -5.32 11.10 5.73
CA SER B 111 -4.96 9.97 4.89
C SER B 111 -6.09 9.68 3.91
N PHE B 112 -5.73 9.26 2.70
CA PHE B 112 -6.68 8.71 1.76
C PHE B 112 -5.97 7.70 0.87
N ASN B 113 -6.75 7.10 -0.03
CA ASN B 113 -6.30 6.00 -0.88
C ASN B 113 -6.17 6.52 -2.30
N ILE B 114 -5.07 6.20 -2.96
CA ILE B 114 -4.90 6.49 -4.39
C ILE B 114 -5.10 5.21 -5.17
N LEU B 115 -5.92 5.26 -6.24
CA LEU B 115 -6.02 4.16 -7.17
C LEU B 115 -5.34 4.64 -8.45
N ALA B 116 -4.10 4.19 -8.65
CA ALA B 116 -3.30 4.63 -9.78
C ALA B 116 -3.80 3.93 -11.04
N CYS B 117 -4.16 4.71 -12.05
CA CYS B 117 -4.82 4.21 -13.25
C CYS B 117 -4.09 4.67 -14.51
N TYR B 118 -4.05 3.79 -15.52
CA TYR B 118 -3.48 4.08 -16.82
C TYR B 118 -4.39 3.48 -17.88
N ASP B 119 -4.62 4.22 -18.97
CA ASP B 119 -5.51 3.77 -20.04
C ASP B 119 -6.88 3.35 -19.51
N GLY B 120 -7.34 4.03 -18.46
CA GLY B 120 -8.67 3.77 -17.96
C GLY B 120 -8.81 2.48 -17.19
N ALA B 121 -7.71 1.93 -16.68
CA ALA B 121 -7.77 0.72 -15.88
C ALA B 121 -6.92 0.92 -14.63
N ALA B 122 -7.43 0.41 -13.50
CA ALA B 122 -6.67 0.49 -12.26
C ALA B 122 -5.42 -0.36 -12.39
N ALA B 123 -4.28 0.19 -11.98
CA ALA B 123 -3.00 -0.50 -12.01
C ALA B 123 -2.40 -0.75 -10.63
N GLY B 124 -2.69 0.10 -9.65
CA GLY B 124 -2.12 -0.03 -8.32
C GLY B 124 -2.97 0.74 -7.33
N VAL B 125 -2.81 0.40 -6.05
CA VAL B 125 -3.53 1.07 -4.99
C VAL B 125 -2.60 1.24 -3.79
N TYR B 126 -2.60 2.45 -3.23
CA TYR B 126 -1.73 2.74 -2.09
C TYR B 126 -2.30 3.90 -1.28
N GLY B 127 -2.03 3.87 0.04
CA GLY B 127 -2.45 4.94 0.90
C GLY B 127 -1.49 6.11 0.82
N VAL B 128 -2.05 7.32 0.95
CA VAL B 128 -1.27 8.53 0.90
C VAL B 128 -1.71 9.45 2.04
N ASN B 129 -0.98 10.56 2.19
CA ASN B 129 -1.29 11.51 3.24
C ASN B 129 -1.08 12.91 2.65
N MET B 130 -2.11 13.75 2.68
CA MET B 130 -2.00 15.12 2.19
C MET B 130 -1.00 15.89 3.05
N ARG B 131 0.02 16.46 2.40
CA ARG B 131 1.05 17.20 3.13
C ARG B 131 0.65 18.65 3.40
N SER B 132 1.47 19.32 4.21
CA SER B 132 1.20 20.70 4.59
C SER B 132 1.26 21.65 3.40
N ASN B 133 2.06 21.32 2.37
CA ASN B 133 2.09 22.09 1.13
C ASN B 133 1.09 21.58 0.10
N TYR B 134 0.11 20.76 0.52
CA TYR B 134 -0.98 20.31 -0.34
C TYR B 134 -0.51 19.45 -1.51
N THR B 135 0.62 18.78 -1.36
CA THR B 135 1.04 17.74 -2.27
C THR B 135 0.94 16.38 -1.57
N ILE B 136 1.00 15.32 -2.37
CA ILE B 136 1.09 13.95 -1.86
C ILE B 136 2.36 13.29 -2.39
N ARG B 137 2.91 12.38 -1.60
CA ARG B 137 4.09 11.60 -1.99
C ARG B 137 3.59 10.38 -2.76
N GLY B 138 3.53 10.53 -4.08
CA GLY B 138 2.91 9.54 -4.93
C GLY B 138 3.90 8.80 -5.81
N SER B 139 3.32 7.98 -6.66
CA SER B 139 4.05 7.37 -7.78
C SER B 139 3.11 7.45 -8.97
N PHE B 140 3.39 8.36 -9.89
CA PHE B 140 2.55 8.60 -11.05
C PHE B 140 3.48 8.89 -12.22
N ILE B 141 3.20 8.29 -13.38
CA ILE B 141 3.87 8.67 -14.61
C ILE B 141 2.83 9.23 -15.56
N ASN B 142 3.31 9.75 -16.69
CA ASN B 142 2.41 10.33 -17.68
C ASN B 142 1.31 9.35 -18.04
N GLY B 143 0.07 9.85 -18.13
CA GLY B 143 -1.10 9.03 -18.33
C GLY B 143 -1.92 8.79 -17.07
N ALA B 144 -1.36 9.08 -15.89
CA ALA B 144 -2.00 8.83 -14.59
C ALA B 144 -3.05 9.88 -14.22
N ALA B 145 -3.07 11.04 -14.88
CA ALA B 145 -4.04 12.08 -14.55
C ALA B 145 -5.45 11.51 -14.58
N GLY B 146 -6.28 11.95 -13.63
CA GLY B 146 -7.60 11.39 -13.46
C GLY B 146 -7.69 10.23 -12.48
N SER B 147 -6.55 9.65 -12.07
CA SER B 147 -6.55 8.60 -11.04
C SER B 147 -7.18 9.15 -9.77
N PRO B 148 -8.17 8.48 -9.21
CA PRO B 148 -8.89 9.05 -8.07
C PRO B 148 -8.30 8.68 -6.72
N GLY B 149 -8.45 9.61 -5.79
CA GLY B 149 -8.22 9.37 -4.38
C GLY B 149 -9.56 9.31 -3.65
N TYR B 150 -9.64 8.43 -2.67
CA TYR B 150 -10.91 8.04 -2.08
C TYR B 150 -10.70 7.55 -0.65
N ASN B 151 -11.74 7.66 0.16
CA ASN B 151 -11.85 6.95 1.43
C ASN B 151 -13.16 6.18 1.43
N ILE B 152 -13.21 5.13 2.23
CA ILE B 152 -14.42 4.33 2.37
C ILE B 152 -14.89 4.39 3.83
N ASN B 153 -16.04 5.01 4.07
CA ASN B 153 -16.67 5.02 5.39
C ASN B 153 -18.06 4.41 5.28
N ASN B 154 -18.26 3.27 5.93
CA ASN B 154 -19.59 2.73 6.17
C ASN B 154 -20.31 2.41 4.86
N GLY B 155 -19.57 1.85 3.90
CA GLY B 155 -20.14 1.55 2.61
C GLY B 155 -20.31 2.74 1.67
N THR B 156 -19.84 3.93 2.04
CA THR B 156 -19.94 5.09 1.16
C THR B 156 -18.54 5.48 0.72
N VAL B 157 -18.35 5.62 -0.61
CA VAL B 157 -17.07 6.08 -1.13
C VAL B 157 -17.02 7.60 -1.08
N GLU B 158 -16.03 8.13 -0.38
CA GLU B 158 -15.80 9.56 -0.29
C GLU B 158 -14.65 9.92 -1.24
N PHE B 159 -14.97 10.53 -2.37
CA PHE B 159 -13.95 10.87 -3.36
C PHE B 159 -13.33 12.22 -3.00
N CYS B 160 -12.02 12.26 -2.88
CA CYS B 160 -11.40 13.53 -2.48
C CYS B 160 -10.31 14.04 -3.42
N TYR B 161 -9.97 13.33 -4.47
CA TYR B 161 -8.81 13.72 -5.24
C TYR B 161 -8.97 13.17 -6.65
N LEU B 162 -8.61 13.97 -7.64
CA LEU B 162 -8.38 13.42 -8.97
C LEU B 162 -7.01 13.94 -9.39
N HIS B 163 -6.12 13.03 -9.81
CA HIS B 163 -4.75 13.44 -10.08
C HIS B 163 -4.64 14.38 -11.27
N GLN B 164 -3.81 15.42 -11.12
CA GLN B 164 -3.66 16.44 -12.16
C GLN B 164 -2.23 16.53 -12.69
N LEU B 165 -1.24 16.67 -11.81
CA LEU B 165 0.10 17.00 -12.32
C LEU B 165 1.16 16.66 -11.29
N GLU B 166 2.39 16.66 -11.76
CA GLU B 166 3.60 16.54 -10.96
C GLU B 166 4.38 17.85 -11.02
N LEU B 167 4.77 18.34 -9.86
CA LEU B 167 5.55 19.60 -9.82
C LEU B 167 7.00 19.33 -10.24
N SER B 169 9.60 19.29 -9.07
CA SER B 169 10.31 18.46 -8.09
C SER B 169 9.92 17.00 -8.25
N GLY B 170 8.64 16.72 -8.28
CA GLY B 170 8.17 15.33 -8.29
C GLY B 170 7.06 15.22 -7.27
N CYS B 171 6.69 16.34 -6.64
CA CYS B 171 5.53 16.34 -5.73
C CYS B 171 4.31 16.12 -6.64
N HIS B 172 3.27 15.46 -6.14
CA HIS B 172 2.10 15.24 -6.96
C HIS B 172 0.95 16.09 -6.47
N VAL B 173 0.23 16.70 -7.43
CA VAL B 173 -0.88 17.63 -7.08
C VAL B 173 -2.14 17.20 -7.84
N GLY B 174 -3.29 17.28 -7.19
CA GLY B 174 -4.56 16.96 -7.85
C GLY B 174 -5.63 17.94 -7.43
N SER B 175 -6.82 17.82 -8.01
CA SER B 175 -7.94 18.71 -7.64
C SER B 175 -8.98 17.92 -6.84
N ASP B 176 -9.86 18.60 -6.13
CA ASP B 176 -10.98 17.87 -5.46
C ASP B 176 -12.09 17.68 -6.50
N LEU B 177 -13.06 16.81 -6.21
CA LEU B 177 -14.09 16.53 -7.24
C LEU B 177 -14.98 17.74 -7.59
N ASP B 178 -14.70 18.89 -6.97
CA ASP B 178 -15.45 20.13 -7.32
C ASP B 178 -14.59 20.94 -8.30
N GLY B 179 -13.38 20.46 -8.60
CA GLY B 179 -12.52 21.13 -9.55
C GLY B 179 -11.59 22.15 -8.94
N VAL B 180 -11.46 22.17 -7.62
CA VAL B 180 -10.59 23.09 -6.92
C VAL B 180 -9.25 22.38 -6.69
N MET B 181 -8.17 22.97 -7.23
CA MET B 181 -6.83 22.42 -7.11
C MET B 181 -6.36 22.50 -5.65
N TYR B 182 -5.84 21.38 -5.11
CA TYR B 182 -5.25 21.46 -3.78
C TYR B 182 -4.05 22.39 -3.81
N GLY B 183 -3.91 23.20 -2.76
CA GLY B 183 -2.80 24.14 -2.64
C GLY B 183 -2.82 25.33 -3.57
N GLY B 184 -3.82 25.43 -4.46
CA GLY B 184 -3.88 26.55 -5.37
C GLY B 184 -2.92 26.50 -6.53
N TYR B 185 -2.25 25.37 -6.76
CA TYR B 185 -1.42 25.26 -7.96
C TYR B 185 -2.30 25.34 -9.21
N GLU B 186 -1.68 25.63 -10.33
CA GLU B 186 -2.43 25.73 -11.58
C GLU B 186 -2.24 24.49 -12.43
N ASP B 187 -3.25 24.16 -13.21
CA ASP B 187 -3.18 23.07 -14.19
C ASP B 187 -2.62 23.63 -15.52
N GLN B 188 -1.36 24.01 -15.46
CA GLN B 188 -0.65 24.65 -16.56
C GLN B 188 0.74 24.06 -16.60
N PRO B 189 1.40 24.07 -17.76
CA PRO B 189 2.77 23.54 -17.83
C PRO B 189 3.79 24.60 -17.46
N THR B 190 3.54 25.37 -16.41
CA THR B 190 4.37 26.51 -16.05
C THR B 190 5.25 26.19 -14.85
N LEU B 191 6.23 27.06 -14.58
CA LEU B 191 7.26 26.77 -13.59
C LEU B 191 6.86 27.26 -12.20
N GLN B 192 5.83 26.61 -11.65
CA GLN B 192 5.50 26.81 -10.24
C GLN B 192 6.31 25.85 -9.40
N VAL B 193 6.50 26.20 -8.14
CA VAL B 193 7.27 25.37 -7.21
C VAL B 193 6.42 25.13 -5.98
N GLU B 194 6.53 23.92 -5.41
CA GLU B 194 5.72 23.57 -4.26
C GLU B 194 6.13 24.40 -3.05
N GLY B 195 5.17 24.63 -2.17
CA GLY B 195 5.47 25.22 -0.87
C GLY B 195 6.39 24.32 -0.06
N ALA B 196 6.95 24.92 0.99
CA ALA B 196 7.92 24.26 1.84
C ALA B 196 7.34 23.00 2.47
N SER B 197 7.99 21.86 2.24
CA SER B 197 7.52 20.62 2.83
C SER B 197 7.87 20.61 4.32
N SER B 198 6.97 20.05 5.13
CA SER B 198 7.18 19.92 6.55
C SER B 198 6.58 18.61 7.02
N LEU B 199 7.21 17.99 7.99
CA LEU B 199 6.67 16.79 8.61
C LEU B 199 5.43 17.14 9.40
N PHE B 200 4.37 16.34 9.23
CA PHE B 200 3.11 16.60 9.92
C PHE B 200 3.18 16.01 11.33
N THR B 201 3.37 16.90 12.33
CA THR B 201 3.80 16.47 13.65
C THR B 201 2.78 15.58 14.34
N GLU B 202 1.49 15.90 14.23
CA GLU B 202 0.47 15.05 14.88
C GLU B 202 0.49 13.64 14.32
N ASN B 203 0.87 13.46 13.07
CA ASN B 203 1.04 12.10 12.56
C ASN B 203 2.28 11.43 13.14
N VAL B 204 3.38 12.16 13.26
CA VAL B 204 4.55 11.62 13.95
C VAL B 204 4.20 11.13 15.35
N LEU B 205 3.36 11.89 16.06
CA LEU B 205 2.93 11.51 17.41
C LEU B 205 2.13 10.22 17.41
N ALA B 206 1.18 10.09 16.48
CA ALA B 206 0.49 8.81 16.33
C ALA B 206 1.49 7.68 16.09
N PHE B 207 2.48 7.90 15.22
CA PHE B 207 3.43 6.86 14.88
C PHE B 207 4.30 6.46 16.07
N LEU B 208 4.71 7.44 16.89
CA LEU B 208 5.49 7.13 18.08
C LEU B 208 4.67 6.37 19.11
N TYR B 209 3.39 6.72 19.26
CA TYR B 209 2.54 5.93 20.14
C TYR B 209 2.39 4.52 19.60
N ALA B 210 2.23 4.37 18.28
CA ALA B 210 2.19 3.02 17.70
C ALA B 210 3.46 2.24 18.03
N ALA B 211 4.62 2.88 17.91
CA ALA B 211 5.88 2.24 18.27
C ALA B 211 5.89 1.81 19.72
N LEU B 212 5.51 2.71 20.64
CA LEU B 212 5.42 2.33 22.05
C LEU B 212 4.57 1.08 22.22
N ILE B 213 3.39 1.07 21.60
CA ILE B 213 2.49 -0.07 21.74
C ILE B 213 3.10 -1.36 21.19
N ASN B 214 3.89 -1.26 20.10
CA ASN B 214 4.59 -2.43 19.57
C ASN B 214 5.92 -2.72 20.25
N GLY B 215 6.20 -2.08 21.38
CA GLY B 215 7.38 -2.40 22.17
C GLY B 215 8.66 -1.67 21.81
N SER B 216 8.59 -0.60 21.02
CA SER B 216 9.78 0.17 20.66
C SER B 216 9.89 1.39 21.56
N THR B 217 10.95 1.43 22.38
CA THR B 217 11.12 2.47 23.39
C THR B 217 12.49 3.14 23.43
N TRP B 218 13.45 2.71 22.60
CA TRP B 218 14.82 3.20 22.73
C TRP B 218 14.91 4.73 22.61
N TRP B 219 13.99 5.34 21.86
CA TRP B 219 13.98 6.75 21.48
C TRP B 219 13.23 7.62 22.47
N LEU B 220 12.59 7.02 23.47
CA LEU B 220 11.70 7.76 24.36
C LEU B 220 12.52 8.61 25.32
N SER B 221 12.34 9.93 25.24
CA SER B 221 13.04 10.85 26.12
C SER B 221 12.39 10.89 27.51
N SER B 222 13.22 11.21 28.51
CA SER B 222 12.72 11.53 29.84
C SER B 222 12.35 12.99 30.01
N SER B 223 12.80 13.88 29.12
CA SER B 223 12.45 15.29 29.20
C SER B 223 11.00 15.50 28.74
N ARG B 224 10.55 16.74 28.88
CA ARG B 224 9.19 17.16 28.53
C ARG B 224 9.29 18.56 27.95
N ILE B 225 8.41 18.86 26.99
CA ILE B 225 8.32 20.21 26.46
C ILE B 225 6.84 20.53 26.21
N ALA B 226 6.45 21.76 26.53
CA ALA B 226 5.07 22.17 26.36
C ALA B 226 4.77 22.37 24.88
N VAL B 227 3.50 22.14 24.51
CA VAL B 227 3.12 22.15 23.11
C VAL B 227 3.50 23.46 22.43
N ASP B 228 3.24 24.59 23.10
CA ASP B 228 3.47 25.87 22.45
C ASP B 228 4.97 26.14 22.27
N ARG B 229 5.80 25.75 23.24
CA ARG B 229 7.24 25.89 23.07
C ARG B 229 7.75 25.00 21.96
N PHE B 230 7.24 23.77 21.87
CA PHE B 230 7.62 22.91 20.77
C PHE B 230 7.24 23.52 19.44
N ASN B 231 6.00 24.06 19.35
CA ASN B 231 5.51 24.68 18.12
C ASN B 231 6.44 25.79 17.64
N GLU B 232 6.98 26.57 18.57
CA GLU B 232 7.92 27.60 18.14
C GLU B 232 9.15 26.99 17.51
N TRP B 233 9.59 25.82 18.00
CA TRP B 233 10.75 25.13 17.47
C TRP B 233 10.44 24.40 16.15
N ALA B 234 9.23 23.86 16.02
CA ALA B 234 8.90 23.09 14.82
C ALA B 234 8.94 23.96 13.56
N VAL B 235 8.48 25.21 13.67
CA VAL B 235 8.41 26.09 12.51
C VAL B 235 9.79 26.44 11.96
N HIS B 236 10.83 26.44 12.80
CA HIS B 236 12.20 26.61 12.33
C HIS B 236 12.92 25.29 12.10
N ASN B 237 12.21 24.15 12.15
CA ASN B 237 12.87 22.85 12.04
C ASN B 237 12.12 21.88 11.14
N GLY B 238 11.29 22.38 10.22
CA GLY B 238 10.64 21.55 9.21
C GLY B 238 9.53 20.67 9.71
N MET B 239 8.70 21.17 10.63
CA MET B 239 7.73 20.31 11.28
C MET B 239 6.51 21.18 11.58
N THR B 240 5.32 20.65 11.36
CA THR B 240 4.13 21.48 11.59
C THR B 240 3.88 21.65 13.08
N THR B 241 3.02 22.61 13.41
CA THR B 241 2.65 22.82 14.80
C THR B 241 1.64 21.77 15.23
N VAL B 242 1.57 21.55 16.53
CA VAL B 242 0.57 20.71 17.16
C VAL B 242 -0.57 21.60 17.64
N VAL B 243 -1.80 21.25 17.27
CA VAL B 243 -2.97 22.04 17.65
C VAL B 243 -4.05 21.16 18.29
N ASN B 244 -4.18 19.92 17.82
CA ASN B 244 -5.09 18.95 18.42
C ASN B 244 -4.30 17.96 19.27
N THR B 245 -4.65 17.86 20.55
CA THR B 245 -4.05 16.86 21.41
C THR B 245 -5.05 15.95 22.09
N ASP B 246 -6.34 16.29 22.10
CA ASP B 246 -7.34 15.45 22.76
C ASP B 246 -7.40 14.07 22.12
N CYS B 247 -7.05 13.96 20.84
CA CYS B 247 -7.00 12.67 20.18
C CYS B 247 -5.96 11.71 20.76
N PHE B 248 -5.02 12.21 21.56
CA PHE B 248 -3.96 11.37 22.09
C PHE B 248 -4.23 10.83 23.48
N SER B 249 -5.34 11.23 24.12
CA SER B 249 -5.59 10.82 25.50
C SER B 249 -5.73 9.32 25.62
N ILE B 250 -6.34 8.66 24.63
CA ILE B 250 -6.46 7.20 24.67
C ILE B 250 -5.08 6.54 24.61
N PHE B 251 -4.18 7.07 23.78
CA PHE B 251 -2.82 6.53 23.69
C PHE B 251 -2.02 6.84 24.95
N ALA B 252 -2.09 8.07 25.44
CA ALA B 252 -1.39 8.42 26.67
C ALA B 252 -1.81 7.52 27.82
N ALA B 253 -3.09 7.14 27.86
CA ALA B 253 -3.58 6.26 28.91
C ALA B 253 -3.12 4.82 28.67
N LYS B 254 -3.11 4.37 27.42
CA LYS B 254 -2.69 3.00 27.13
C LYS B 254 -1.19 2.79 27.33
N THR B 255 -0.38 3.84 27.19
CA THR B 255 1.07 3.70 27.25
C THR B 255 1.71 4.32 28.48
N GLY B 256 1.00 5.17 29.22
CA GLY B 256 1.59 5.88 30.33
C GLY B 256 2.45 7.08 29.95
N VAL B 257 2.57 7.39 28.65
CA VAL B 257 3.47 8.44 28.17
C VAL B 257 2.60 9.56 27.60
N ASP B 258 2.80 10.78 28.10
CA ASP B 258 2.00 11.91 27.63
C ASP B 258 2.63 12.55 26.40
N VAL B 259 1.88 13.47 25.77
CA VAL B 259 2.33 14.08 24.53
C VAL B 259 3.62 14.85 24.73
N GLN B 260 3.78 15.48 25.91
CA GLN B 260 4.91 16.36 26.14
C GLN B 260 6.24 15.61 26.13
N ARG B 261 6.24 14.36 26.60
CA ARG B 261 7.43 13.52 26.52
C ARG B 261 7.71 13.10 25.08
N LEU B 262 6.66 12.85 24.29
CA LEU B 262 6.87 12.51 22.90
C LEU B 262 7.46 13.69 22.12
N LEU B 263 7.05 14.92 22.46
CA LEU B 263 7.54 16.10 21.77
C LEU B 263 9.02 16.32 22.04
N ALA B 264 9.43 16.15 23.30
CA ALA B 264 10.86 16.14 23.60
C ALA B 264 11.58 15.03 22.84
N SER B 265 10.93 13.86 22.71
CA SER B 265 11.55 12.77 21.96
C SER B 265 11.73 13.14 20.49
N ILE B 266 10.74 13.82 19.92
CA ILE B 266 10.85 14.27 18.54
C ILE B 266 12.04 15.21 18.39
N GLN B 267 12.20 16.14 19.32
CA GLN B 267 13.34 17.05 19.23
C GLN B 267 14.65 16.30 19.26
N SER B 268 14.75 15.25 20.08
CA SER B 268 15.99 14.48 20.16
C SER B 268 16.24 13.68 18.89
N LEU B 269 15.21 13.04 18.34
CA LEU B 269 15.41 12.23 17.14
C LEU B 269 15.90 13.07 15.97
N HIS B 270 15.47 14.33 15.92
CA HIS B 270 15.90 15.26 14.89
C HIS B 270 17.39 15.56 14.99
N LYS B 271 17.99 15.35 16.17
CA LYS B 271 19.39 15.69 16.44
C LYS B 271 20.35 14.56 16.12
N ASN B 272 19.88 13.31 16.07
CA ASN B 272 20.66 12.18 15.58
C ASN B 272 19.82 11.45 14.52
N PHE B 273 19.44 12.20 13.49
CA PHE B 273 18.39 11.77 12.59
C PHE B 273 18.94 10.71 11.63
N GLY B 274 18.35 9.52 11.66
CA GLY B 274 18.86 8.39 10.93
C GLY B 274 19.69 7.42 11.75
N GLY B 275 19.95 7.74 13.02
CA GLY B 275 20.80 6.89 13.83
C GLY B 275 20.23 5.50 14.07
N LYS B 276 18.93 5.35 13.92
CA LYS B 276 18.29 4.08 14.18
C LYS B 276 16.85 4.19 13.68
N GLN B 277 16.32 3.06 13.21
CA GLN B 277 14.96 2.97 12.73
C GLN B 277 14.00 2.86 13.91
N ILE B 278 12.74 3.19 13.66
CA ILE B 278 11.66 2.90 14.60
C ILE B 278 10.69 1.96 13.89
N LEU B 279 10.49 0.75 14.45
CA LEU B 279 9.64 -0.26 13.80
C LEU B 279 10.05 -0.53 12.36
N GLY B 280 11.35 -0.45 12.07
CA GLY B 280 11.81 -0.52 10.69
C GLY B 280 11.54 0.70 9.83
N TYR B 281 11.05 1.80 10.39
CA TYR B 281 10.77 3.02 9.64
C TYR B 281 11.75 4.14 10.01
N THR B 282 11.91 5.09 9.08
CA THR B 282 12.45 6.40 9.44
C THR B 282 11.77 6.86 10.73
N SER B 283 12.58 7.22 11.73
CA SER B 283 11.96 7.88 12.86
C SER B 283 11.34 9.17 12.32
N LEU B 284 10.38 9.74 13.01
CA LEU B 284 9.68 10.91 12.45
C LEU B 284 8.95 10.58 11.13
N THR B 285 8.45 9.34 10.99
CA THR B 285 7.54 9.04 9.90
C THR B 285 6.22 9.73 10.15
N ASP B 286 5.69 10.40 9.12
CA ASP B 286 4.49 11.24 9.24
C ASP B 286 3.32 10.78 8.37
N GLU B 287 3.35 9.53 7.87
CA GLU B 287 2.30 9.06 6.98
C GLU B 287 1.11 8.43 7.70
N PHE B 288 1.20 8.17 9.00
CA PHE B 288 0.16 7.47 9.75
C PHE B 288 -0.64 8.44 10.61
N THR B 289 -1.96 8.36 10.53
CA THR B 289 -2.81 9.15 11.41
C THR B 289 -3.18 8.35 12.65
N THR B 290 -3.73 9.03 13.66
CA THR B 290 -4.20 8.31 14.84
C THR B 290 -5.27 7.29 14.48
N GLY B 291 -6.12 7.60 13.50
CA GLY B 291 -7.16 6.66 13.08
C GLY B 291 -6.59 5.39 12.48
N GLU B 292 -5.64 5.53 11.54
CA GLU B 292 -4.94 4.35 11.03
C GLU B 292 -4.31 3.54 12.15
N VAL B 293 -3.63 4.21 13.08
CA VAL B 293 -2.95 3.49 14.16
C VAL B 293 -3.95 2.69 14.99
N ILE B 294 -5.05 3.34 15.39
CA ILE B 294 -6.08 2.66 16.20
C ILE B 294 -6.62 1.44 15.45
N ARG B 295 -6.95 1.60 14.16
CA ARG B 295 -7.47 0.48 13.38
C ARG B 295 -6.47 -0.67 13.31
N GLN B 296 -5.18 -0.37 13.19
CA GLN B 296 -4.23 -1.46 13.04
C GLN B 296 -3.82 -2.08 14.37
N MET B 297 -3.82 -1.31 15.46
CA MET B 297 -3.50 -1.93 16.74
C MET B 297 -4.69 -2.67 17.33
N TYR B 298 -5.90 -2.12 17.19
CA TYR B 298 -7.06 -2.59 17.93
C TYR B 298 -8.24 -3.04 17.09
N GLY B 299 -8.21 -2.86 15.78
CA GLY B 299 -9.33 -3.26 14.94
C GLY B 299 -10.55 -2.35 14.97
N VAL B 300 -10.47 -1.21 15.66
CA VAL B 300 -11.65 -0.36 15.87
C VAL B 300 -11.51 1.05 15.26
N ASN C 2 5.89 -17.09 22.80
CA ASN C 2 5.08 -18.03 22.01
C ASN C 2 4.49 -17.48 20.70
N SER C 3 4.53 -18.31 19.66
CA SER C 3 3.81 -18.03 18.43
C SER C 3 2.34 -17.79 18.75
N MET C 4 1.71 -16.88 18.00
CA MET C 4 0.28 -16.64 18.12
C MET C 4 -0.37 -17.10 16.83
N LEU C 5 -1.29 -18.05 16.93
CA LEU C 5 -2.11 -18.44 15.80
C LEU C 5 -3.19 -17.37 15.64
N GLN C 6 -3.22 -16.72 14.49
CA GLN C 6 -4.13 -15.57 14.33
C GLN C 6 -5.45 -15.94 13.63
N ASN D 2 7.43 21.32 -14.95
CA ASN D 2 6.18 21.01 -14.27
C ASN D 2 5.18 20.34 -15.20
N SER D 3 4.99 19.04 -15.01
CA SER D 3 4.39 18.17 -16.01
C SER D 3 2.93 17.89 -15.68
N MET D 4 2.06 18.21 -16.62
CA MET D 4 0.69 17.71 -16.55
C MET D 4 0.68 16.23 -16.86
N LEU D 5 -0.15 15.48 -16.10
CA LEU D 5 -0.25 14.00 -16.12
C LEU D 5 0.92 13.24 -15.46
#